data_5WXB
#
_entry.id   5WXB
#
_cell.length_a   37.991
_cell.length_b   76.862
_cell.length_c   109.582
_cell.angle_alpha   90.00
_cell.angle_beta   90.00
_cell.angle_gamma   90.00
#
_symmetry.space_group_name_H-M   'P 2 21 21'
#
loop_
_entity.id
_entity.type
_entity.pdbx_description
1 polymer 'MRNA cap 0-1 NS5-type MT'
2 non-polymer S-ADENOSYL-L-HOMOCYSTEINE
3 water water
#
_entity_poly.entity_id   1
_entity_poly.type   'polypeptide(L)'
_entity_poly.pdbx_seq_one_letter_code
;GGGTGETLGEKWKARLNQMSALEFYSYKKSGITEVCREEARRALKDGVATGGHAVSRGSAKLRWLVERGYLQPYGKVIDL
GCGRGGWSYYAATIRKVQEVKGYTKGGPGHEEPVLVQSYGWNIVRLKSGVDVFHMAAEPCDTLLCDIGESSSSPEVEEAR
TLRVLSMVGDWLEKRPGAFCIKVLCPYTSTMMETLERLQRRYGGGLVRVPLSRNSTHEMYWVSGAKSNTIKSVSTTSQLL
LGRMDGPRRPVKYEEDVNLGSGTRAV
;
_entity_poly.pdbx_strand_id   A
#
# COMPACT_ATOMS: atom_id res chain seq x y z
N GLY A 3 -13.64 -28.20 2.40
CA GLY A 3 -13.71 -26.99 1.59
C GLY A 3 -15.13 -26.48 1.41
N THR A 4 -15.31 -25.18 1.64
CA THR A 4 -16.62 -24.55 1.52
C THR A 4 -16.76 -23.76 0.21
N GLY A 5 -16.03 -24.16 -0.83
CA GLY A 5 -16.26 -23.60 -2.15
C GLY A 5 -15.73 -22.18 -2.30
N GLU A 6 -16.54 -21.36 -2.95
CA GLU A 6 -16.10 -20.06 -3.43
C GLU A 6 -16.34 -18.99 -2.37
N THR A 7 -15.30 -18.22 -2.06
CA THR A 7 -15.44 -17.11 -1.14
C THR A 7 -16.08 -15.91 -1.84
N LEU A 8 -16.51 -14.92 -1.05
CA LEU A 8 -17.09 -13.72 -1.64
C LEU A 8 -16.08 -13.00 -2.53
N GLY A 9 -14.81 -13.02 -2.15
CA GLY A 9 -13.80 -12.35 -2.96
C GLY A 9 -13.59 -13.02 -4.29
N GLU A 10 -13.69 -14.35 -4.32
CA GLU A 10 -13.59 -15.06 -5.59
C GLU A 10 -14.77 -14.71 -6.49
N LYS A 11 -15.97 -14.58 -5.91
CA LYS A 11 -17.14 -14.16 -6.69
C LYS A 11 -16.96 -12.75 -7.21
N TRP A 12 -16.40 -11.87 -6.38
CA TRP A 12 -16.11 -10.50 -6.79
C TRP A 12 -15.17 -10.49 -7.99
N LYS A 13 -14.08 -11.26 -7.91
CA LYS A 13 -13.10 -11.28 -9.00
C LYS A 13 -13.69 -11.85 -10.27
N ALA A 14 -14.54 -12.88 -10.15
CA ALA A 14 -15.14 -13.47 -11.35
C ALA A 14 -16.10 -12.48 -12.01
N ARG A 15 -16.86 -11.72 -11.20
CA ARG A 15 -17.74 -10.70 -11.78
C ARG A 15 -16.93 -9.57 -12.38
N LEU A 16 -15.83 -9.18 -11.73
CA LEU A 16 -14.97 -8.14 -12.28
C LEU A 16 -14.46 -8.53 -13.67
N ASN A 17 -14.02 -9.79 -13.82
CA ASN A 17 -13.48 -10.24 -15.10
C ASN A 17 -14.56 -10.37 -16.18
N GLN A 18 -15.84 -10.33 -15.81
CA GLN A 18 -16.93 -10.37 -16.77
C GLN A 18 -17.42 -8.99 -17.19
N MET A 19 -16.79 -7.93 -16.69
CA MET A 19 -17.22 -6.58 -17.03
C MET A 19 -16.64 -6.15 -18.36
N SER A 20 -17.42 -5.39 -19.12
CA SER A 20 -16.87 -4.71 -20.27
C SER A 20 -15.90 -3.63 -19.82
N ALA A 21 -15.10 -3.13 -20.77
CA ALA A 21 -14.19 -2.05 -20.46
C ALA A 21 -14.95 -0.84 -19.92
N LEU A 22 -16.14 -0.59 -20.46
CA LEU A 22 -16.96 0.51 -19.97
C LEU A 22 -17.43 0.25 -18.53
N GLU A 23 -18.03 -0.92 -18.29
CA GLU A 23 -18.46 -1.26 -16.94
C GLU A 23 -17.28 -1.22 -15.96
N PHE A 24 -16.15 -1.81 -16.35
CA PHE A 24 -14.97 -1.80 -15.51
C PHE A 24 -14.55 -0.38 -15.16
N TYR A 25 -14.54 0.51 -16.16
CA TYR A 25 -14.11 1.89 -15.96
C TYR A 25 -15.01 2.60 -14.95
N SER A 26 -16.33 2.49 -15.12
CA SER A 26 -17.23 3.17 -14.19
C SER A 26 -17.14 2.56 -12.79
N TYR A 27 -16.99 1.24 -12.71
CA TYR A 27 -16.94 0.58 -11.41
C TYR A 27 -15.68 0.93 -10.64
N LYS A 28 -14.55 1.06 -11.34
CA LYS A 28 -13.23 1.16 -10.71
C LYS A 28 -13.18 2.24 -9.62
N LYS A 29 -13.79 3.39 -9.86
CA LYS A 29 -13.71 4.49 -8.91
C LYS A 29 -15.06 4.84 -8.28
N SER A 30 -16.06 3.97 -8.44
CA SER A 30 -17.40 4.27 -7.95
C SER A 30 -17.40 4.38 -6.42
N GLY A 31 -17.73 5.57 -5.92
CA GLY A 31 -17.83 5.77 -4.48
C GLY A 31 -16.54 5.75 -3.70
N ILE A 32 -15.38 5.73 -4.34
CA ILE A 32 -14.13 5.64 -3.57
C ILE A 32 -13.73 7.01 -3.09
N THR A 33 -12.69 7.05 -2.26
CA THR A 33 -12.07 8.30 -1.83
C THR A 33 -10.83 8.52 -2.68
N GLU A 34 -10.54 9.77 -3.00
CA GLU A 34 -9.43 10.06 -3.89
C GLU A 34 -8.85 11.41 -3.51
N VAL A 35 -7.55 11.57 -3.71
CA VAL A 35 -6.92 12.88 -3.64
C VAL A 35 -6.82 13.42 -5.06
N CYS A 36 -6.99 14.72 -5.20
CA CYS A 36 -6.83 15.35 -6.48
C CYS A 36 -5.35 15.60 -6.70
N ARG A 37 -4.78 15.06 -7.77
CA ARG A 37 -3.35 15.13 -8.01
C ARG A 37 -2.96 16.20 -9.02
N GLU A 38 -3.90 17.07 -9.42
CA GLU A 38 -3.64 18.03 -10.48
C GLU A 38 -2.48 18.97 -10.13
N GLU A 39 -2.53 19.57 -8.94
CA GLU A 39 -1.50 20.54 -8.56
C GLU A 39 -0.14 19.86 -8.46
N ALA A 40 -0.10 18.68 -7.85
CA ALA A 40 1.17 17.97 -7.70
C ALA A 40 1.74 17.57 -9.05
N ARG A 41 0.90 16.98 -9.90
CA ARG A 41 1.34 16.57 -11.23
C ARG A 41 1.95 17.74 -12.00
N ARG A 42 1.32 18.91 -11.92
CA ARG A 42 1.83 20.09 -12.63
C ARG A 42 3.16 20.56 -12.03
N ALA A 43 3.23 20.66 -10.70
CA ALA A 43 4.44 21.14 -10.06
C ALA A 43 5.61 20.17 -10.28
N LEU A 44 5.34 18.86 -10.21
CA LEU A 44 6.40 17.89 -10.43
C LEU A 44 6.90 17.92 -11.87
N LYS A 45 5.99 18.13 -12.84
CA LYS A 45 6.42 18.28 -14.22
C LYS A 45 7.27 19.53 -14.41
N ASP A 46 6.98 20.60 -13.67
CA ASP A 46 7.78 21.82 -13.73
C ASP A 46 9.06 21.73 -12.91
N GLY A 47 9.35 20.59 -12.30
CA GLY A 47 10.58 20.43 -11.54
C GLY A 47 10.58 21.11 -10.18
N VAL A 48 9.41 21.46 -9.65
CA VAL A 48 9.31 22.12 -8.35
C VAL A 48 9.52 21.08 -7.26
N ALA A 49 10.54 21.29 -6.43
CA ALA A 49 10.90 20.31 -5.40
C ALA A 49 10.60 20.78 -3.99
N THR A 50 10.19 22.04 -3.81
CA THR A 50 9.98 22.62 -2.47
C THR A 50 8.53 23.00 -2.21
N GLY A 51 7.59 22.52 -3.02
CA GLY A 51 6.21 22.93 -2.86
C GLY A 51 5.37 22.11 -1.90
N GLY A 52 5.94 21.09 -1.26
CA GLY A 52 5.21 20.22 -0.34
C GLY A 52 4.44 19.10 -1.01
N HIS A 53 4.52 18.98 -2.33
CA HIS A 53 3.73 17.98 -3.04
C HIS A 53 4.22 16.57 -2.80
N ALA A 54 3.27 15.64 -2.68
CA ALA A 54 3.61 14.23 -2.66
C ALA A 54 3.98 13.76 -4.06
N VAL A 55 4.90 12.79 -4.14
CA VAL A 55 5.35 12.32 -5.45
C VAL A 55 4.41 11.31 -6.09
N SER A 56 3.45 10.78 -5.34
CA SER A 56 2.49 9.81 -5.84
C SER A 56 1.26 9.84 -4.94
N ARG A 57 0.21 9.12 -5.38
CA ARG A 57 -0.96 8.85 -4.56
C ARG A 57 -0.65 8.02 -3.32
N GLY A 58 0.53 7.43 -3.24
CA GLY A 58 0.84 6.56 -2.11
C GLY A 58 0.95 7.30 -0.79
N SER A 59 1.43 8.55 -0.83
CA SER A 59 1.54 9.30 0.42
C SER A 59 0.19 9.42 1.11
N ALA A 60 -0.88 9.67 0.34
CA ALA A 60 -2.19 9.79 0.95
C ALA A 60 -2.68 8.47 1.49
N LYS A 61 -2.36 7.36 0.84
CA LYS A 61 -2.74 6.05 1.35
C LYS A 61 -2.10 5.79 2.71
N LEU A 62 -0.80 6.07 2.83
CA LEU A 62 -0.12 5.85 4.10
C LEU A 62 -0.60 6.85 5.16
N ARG A 63 -0.87 8.10 4.75
CA ARG A 63 -1.42 9.08 5.67
C ARG A 63 -2.72 8.59 6.28
N TRP A 64 -3.59 7.97 5.48
CA TRP A 64 -4.87 7.48 6.00
C TRP A 64 -4.65 6.48 7.13
N LEU A 65 -3.66 5.58 6.97
CA LEU A 65 -3.40 4.59 8.01
C LEU A 65 -2.75 5.24 9.23
N VAL A 66 -1.78 6.13 9.01
CA VAL A 66 -1.01 6.71 10.10
C VAL A 66 -1.87 7.65 10.94
N GLU A 67 -2.71 8.46 10.29
CA GLU A 67 -3.50 9.43 11.05
C GLU A 67 -4.53 8.76 11.95
N ARG A 68 -4.83 7.50 11.69
CA ARG A 68 -5.79 6.76 12.50
C ARG A 68 -5.12 5.88 13.52
N GLY A 69 -3.79 5.87 13.56
CA GLY A 69 -3.05 5.06 14.50
C GLY A 69 -2.93 3.60 14.10
N TYR A 70 -3.33 3.25 12.88
CA TYR A 70 -3.21 1.86 12.45
C TYR A 70 -1.77 1.46 12.18
N LEU A 71 -0.90 2.45 12.00
CA LEU A 71 0.54 2.28 11.84
C LEU A 71 1.19 3.47 12.53
N GLN A 72 2.21 3.22 13.38
CA GLN A 72 2.92 4.28 14.10
C GLN A 72 4.41 4.18 13.79
N PRO A 73 4.86 4.76 12.67
CA PRO A 73 6.27 4.60 12.29
C PRO A 73 7.22 5.26 13.28
N TYR A 74 8.41 4.67 13.40
CA TYR A 74 9.45 5.18 14.29
C TYR A 74 10.79 4.63 13.86
N GLY A 75 11.86 5.36 14.25
CA GLY A 75 13.22 4.87 14.08
C GLY A 75 13.64 4.69 12.62
N LYS A 76 14.29 3.56 12.34
CA LYS A 76 14.78 3.24 11.01
C LYS A 76 13.66 2.60 10.20
N VAL A 77 13.25 3.24 9.11
CA VAL A 77 12.18 2.79 8.24
C VAL A 77 12.80 2.18 7.00
N ILE A 78 12.40 0.95 6.67
CA ILE A 78 12.76 0.29 5.41
C ILE A 78 11.50 0.22 4.57
N ASP A 79 11.58 0.69 3.33
CA ASP A 79 10.44 0.78 2.42
C ASP A 79 10.73 -0.07 1.20
N LEU A 80 10.16 -1.28 1.16
CA LEU A 80 10.45 -2.25 0.10
C LEU A 80 9.45 -2.06 -1.03
N GLY A 81 9.96 -1.87 -2.26
CA GLY A 81 9.10 -1.51 -3.38
C GLY A 81 8.67 -0.05 -3.28
N CYS A 82 9.62 0.87 -3.15
CA CYS A 82 9.26 2.25 -2.84
C CYS A 82 8.72 3.01 -4.04
N GLY A 83 8.96 2.53 -5.26
CA GLY A 83 8.49 3.25 -6.44
C GLY A 83 9.03 4.66 -6.46
N ARG A 84 8.14 5.61 -6.77
CA ARG A 84 8.53 7.02 -6.78
C ARG A 84 8.93 7.52 -5.40
N GLY A 85 8.40 6.92 -4.34
CA GLY A 85 8.81 7.28 -2.99
C GLY A 85 7.72 7.83 -2.09
N GLY A 86 6.45 7.67 -2.47
CA GLY A 86 5.38 8.32 -1.72
C GLY A 86 5.33 7.92 -0.25
N TRP A 87 5.59 6.63 0.04
CA TRP A 87 5.58 6.19 1.43
C TRP A 87 6.83 6.68 2.16
N SER A 88 7.97 6.65 1.48
CA SER A 88 9.22 7.06 2.11
C SER A 88 9.19 8.54 2.48
N TYR A 89 8.73 9.39 1.57
CA TYR A 89 8.66 10.81 1.90
C TYR A 89 7.62 11.10 2.98
N TYR A 90 6.52 10.36 3.01
CA TYR A 90 5.56 10.57 4.09
C TYR A 90 6.18 10.16 5.42
N ALA A 91 6.86 9.00 5.44
CA ALA A 91 7.46 8.52 6.67
C ALA A 91 8.49 9.51 7.19
N ALA A 92 9.22 10.16 6.29
CA ALA A 92 10.26 11.12 6.69
C ALA A 92 9.73 12.30 7.49
N THR A 93 8.44 12.62 7.38
CA THR A 93 7.89 13.74 8.13
C THR A 93 7.50 13.38 9.55
N ILE A 94 7.50 12.09 9.89
CA ILE A 94 6.95 11.64 11.17
C ILE A 94 8.00 11.80 12.26
N ARG A 95 7.59 12.42 13.38
CA ARG A 95 8.52 12.86 14.41
C ARG A 95 9.41 11.73 14.92
N LYS A 96 8.84 10.55 15.20
CA LYS A 96 9.63 9.47 15.75
C LYS A 96 10.53 8.78 14.73
N VAL A 97 10.32 9.02 13.44
CA VAL A 97 11.16 8.43 12.40
C VAL A 97 12.50 9.15 12.36
N GLN A 98 13.59 8.39 12.15
CA GLN A 98 14.92 8.98 12.13
C GLN A 98 15.68 8.73 10.84
N GLU A 99 15.29 7.75 10.04
CA GLU A 99 16.01 7.36 8.84
C GLU A 99 15.03 6.61 7.96
N VAL A 100 15.07 6.87 6.65
CA VAL A 100 14.20 6.15 5.71
C VAL A 100 15.07 5.64 4.56
N LYS A 101 15.06 4.32 4.35
CA LYS A 101 15.75 3.69 3.23
C LYS A 101 14.71 2.99 2.36
N GLY A 102 14.57 3.45 1.12
CA GLY A 102 13.65 2.87 0.17
C GLY A 102 14.41 2.14 -0.93
N TYR A 103 13.81 1.05 -1.42
CA TYR A 103 14.40 0.22 -2.45
C TYR A 103 13.34 -0.13 -3.48
N THR A 104 13.70 -0.08 -4.76
CA THR A 104 12.73 -0.37 -5.80
C THR A 104 13.44 -0.87 -7.04
N LYS A 105 12.72 -1.63 -7.85
CA LYS A 105 13.31 -2.27 -9.02
C LYS A 105 13.67 -1.25 -10.09
N GLY A 106 12.74 -0.35 -10.40
CA GLY A 106 12.95 0.57 -11.52
C GLY A 106 12.95 -0.18 -12.85
N GLY A 107 13.46 0.51 -13.87
CA GLY A 107 13.60 -0.10 -15.18
C GLY A 107 12.38 0.15 -16.06
N PRO A 108 12.42 -0.32 -17.30
CA PRO A 108 11.33 -0.01 -18.24
C PRO A 108 9.97 -0.47 -17.73
N GLY A 109 9.03 0.48 -17.71
CA GLY A 109 7.69 0.18 -17.29
C GLY A 109 7.46 0.20 -15.80
N HIS A 110 8.46 0.59 -15.01
CA HIS A 110 8.31 0.62 -13.57
C HIS A 110 8.66 1.99 -13.01
N GLU A 111 8.07 2.31 -11.87
CA GLU A 111 8.28 3.61 -11.24
C GLU A 111 9.74 3.77 -10.82
N GLU A 112 10.30 4.98 -11.11
CA GLU A 112 11.62 5.33 -10.61
C GLU A 112 11.50 6.32 -9.46
N PRO A 113 12.40 6.26 -8.49
CA PRO A 113 12.35 7.24 -7.39
C PRO A 113 12.39 8.67 -7.92
N VAL A 114 11.60 9.52 -7.29
CA VAL A 114 11.54 10.96 -7.59
C VAL A 114 12.25 11.70 -6.46
N LEU A 115 13.12 12.65 -6.82
CA LEU A 115 13.86 13.44 -5.84
C LEU A 115 13.13 14.77 -5.63
N VAL A 116 12.54 14.94 -4.45
CA VAL A 116 11.97 16.22 -4.03
C VAL A 116 12.52 16.55 -2.65
N GLN A 117 12.27 17.79 -2.23
CA GLN A 117 12.75 18.23 -0.93
C GLN A 117 11.57 18.54 0.00
N SER A 118 10.64 17.60 0.14
CA SER A 118 9.64 17.71 1.18
C SER A 118 10.30 17.56 2.56
N TYR A 119 9.54 17.83 3.62
CA TYR A 119 10.14 17.90 4.95
C TYR A 119 10.81 16.60 5.34
N GLY A 120 12.07 16.68 5.76
CA GLY A 120 12.83 15.50 6.12
C GLY A 120 13.52 14.81 4.97
N TRP A 121 13.60 15.43 3.79
CA TRP A 121 14.20 14.77 2.64
C TRP A 121 15.64 14.35 2.90
N ASN A 122 16.34 15.05 3.79
CA ASN A 122 17.74 14.76 4.04
C ASN A 122 17.95 13.46 4.82
N ILE A 123 16.90 12.83 5.37
CA ILE A 123 17.04 11.52 6.01
C ILE A 123 16.52 10.39 5.13
N VAL A 124 16.25 10.68 3.86
CA VAL A 124 15.67 9.71 2.94
C VAL A 124 16.74 9.32 1.92
N ARG A 125 16.90 8.02 1.70
CA ARG A 125 17.72 7.51 0.61
C ARG A 125 16.90 6.49 -0.17
N LEU A 126 16.70 6.75 -1.46
CA LEU A 126 15.92 5.88 -2.34
C LEU A 126 16.87 5.24 -3.35
N LYS A 127 16.79 3.93 -3.48
CA LYS A 127 17.70 3.18 -4.34
C LYS A 127 16.89 2.41 -5.38
N SER A 128 17.16 2.69 -6.65
CA SER A 128 16.54 1.96 -7.76
C SER A 128 17.48 0.85 -8.22
N GLY A 129 16.97 0.01 -9.13
CA GLY A 129 17.78 -1.10 -9.63
C GLY A 129 17.98 -2.21 -8.62
N VAL A 130 17.07 -2.35 -7.65
CA VAL A 130 17.19 -3.33 -6.59
C VAL A 130 16.03 -4.29 -6.68
N ASP A 131 16.33 -5.59 -6.77
CA ASP A 131 15.32 -6.65 -6.65
C ASP A 131 15.23 -7.03 -5.18
N VAL A 132 14.15 -6.63 -4.50
CA VAL A 132 14.10 -6.85 -3.06
C VAL A 132 14.04 -8.33 -2.69
N PHE A 133 13.65 -9.20 -3.64
CA PHE A 133 13.60 -10.62 -3.32
C PHE A 133 14.98 -11.25 -3.25
N HIS A 134 16.02 -10.54 -3.69
CA HIS A 134 17.40 -10.97 -3.51
C HIS A 134 18.11 -10.20 -2.40
N MET A 135 17.43 -9.31 -1.70
CA MET A 135 18.08 -8.50 -0.66
C MET A 135 18.07 -9.27 0.65
N ALA A 136 19.24 -9.35 1.30
CA ALA A 136 19.31 -9.95 2.62
C ALA A 136 18.55 -9.07 3.61
N ALA A 137 17.68 -9.68 4.42
CA ALA A 137 16.96 -8.91 5.41
C ALA A 137 17.92 -8.35 6.46
N GLU A 138 17.59 -7.18 6.98
CA GLU A 138 18.36 -6.55 8.03
C GLU A 138 17.40 -5.97 9.06
N PRO A 139 17.87 -5.74 10.28
CA PRO A 139 16.97 -5.18 11.30
C PRO A 139 16.53 -3.77 10.96
N CYS A 140 15.30 -3.48 11.33
CA CYS A 140 14.78 -2.12 11.22
C CYS A 140 13.70 -1.98 12.27
N ASP A 141 13.24 -0.75 12.46
CA ASP A 141 12.19 -0.47 13.43
C ASP A 141 10.81 -0.50 12.79
N THR A 142 10.71 0.01 11.56
CA THR A 142 9.45 0.08 10.82
C THR A 142 9.68 -0.55 9.47
N LEU A 143 8.86 -1.55 9.11
CA LEU A 143 9.00 -2.27 7.85
C LEU A 143 7.80 -1.96 6.97
N LEU A 144 8.04 -1.36 5.80
CA LEU A 144 6.98 -1.06 4.84
C LEU A 144 7.20 -1.88 3.57
N CYS A 145 6.12 -2.36 2.98
CA CYS A 145 6.21 -3.01 1.68
C CYS A 145 4.91 -2.76 0.94
N ASP A 146 5.00 -2.23 -0.28
CA ASP A 146 3.82 -1.94 -1.08
C ASP A 146 3.85 -2.70 -2.40
N ILE A 147 4.43 -3.90 -2.39
CA ILE A 147 4.59 -4.71 -3.61
C ILE A 147 3.36 -5.58 -3.83
N GLY A 148 2.93 -5.66 -5.08
CA GLY A 148 1.87 -6.60 -5.45
C GLY A 148 1.12 -6.10 -6.65
N GLU A 149 1.49 -6.60 -7.84
CA GLU A 149 0.93 -6.08 -9.08
C GLU A 149 -0.36 -6.80 -9.45
N SER A 150 -1.41 -6.04 -9.72
CA SER A 150 -2.71 -6.64 -10.04
C SER A 150 -2.64 -7.49 -11.31
N SER A 151 -3.49 -8.51 -11.34
CA SER A 151 -3.63 -9.40 -12.49
C SER A 151 -5.09 -9.82 -12.60
N SER A 152 -5.56 -9.98 -13.85
CA SER A 152 -6.89 -10.55 -14.03
C SER A 152 -6.94 -12.03 -13.63
N SER A 153 -5.80 -12.69 -13.51
CA SER A 153 -5.77 -14.09 -13.08
C SER A 153 -5.66 -14.15 -11.56
N PRO A 154 -6.62 -14.76 -10.87
CA PRO A 154 -6.47 -14.90 -9.40
C PRO A 154 -5.33 -15.82 -9.01
N GLU A 155 -5.01 -16.84 -9.81
CA GLU A 155 -3.85 -17.67 -9.50
C GLU A 155 -2.57 -16.83 -9.53
N VAL A 156 -2.46 -15.90 -10.47
CA VAL A 156 -1.29 -15.02 -10.52
C VAL A 156 -1.27 -14.10 -9.30
N GLU A 157 -2.42 -13.51 -8.96
CA GLU A 157 -2.44 -12.65 -7.78
C GLU A 157 -2.09 -13.42 -6.52
N GLU A 158 -2.57 -14.67 -6.42
CA GLU A 158 -2.24 -15.49 -5.25
C GLU A 158 -0.75 -15.80 -5.21
N ALA A 159 -0.17 -16.21 -6.35
CA ALA A 159 1.25 -16.50 -6.40
C ALA A 159 2.09 -15.28 -6.04
N ARG A 160 1.67 -14.10 -6.52
CA ARG A 160 2.40 -12.88 -6.22
C ARG A 160 2.29 -12.52 -4.75
N THR A 161 1.11 -12.71 -4.16
CA THR A 161 0.93 -12.38 -2.75
C THR A 161 1.73 -13.32 -1.86
N LEU A 162 1.73 -14.62 -2.16
CA LEU A 162 2.52 -15.57 -1.38
C LEU A 162 3.99 -15.21 -1.44
N ARG A 163 4.44 -14.75 -2.61
CA ARG A 163 5.82 -14.32 -2.78
C ARG A 163 6.15 -13.14 -1.88
N VAL A 164 5.28 -12.11 -1.86
CA VAL A 164 5.53 -10.97 -0.98
C VAL A 164 5.56 -11.42 0.48
N LEU A 165 4.59 -12.25 0.88
CA LEU A 165 4.50 -12.64 2.28
C LEU A 165 5.68 -13.48 2.71
N SER A 166 6.17 -14.37 1.83
CA SER A 166 7.35 -15.15 2.18
C SER A 166 8.56 -14.24 2.36
N MET A 167 8.69 -13.25 1.50
CA MET A 167 9.84 -12.35 1.56
C MET A 167 9.79 -11.48 2.82
N VAL A 168 8.62 -10.91 3.14
CA VAL A 168 8.55 -10.01 4.29
C VAL A 168 8.72 -10.77 5.59
N GLY A 169 8.38 -12.07 5.61
CA GLY A 169 8.59 -12.86 6.82
C GLY A 169 10.02 -12.82 7.29
N ASP A 170 10.98 -12.83 6.35
CA ASP A 170 12.39 -12.77 6.73
C ASP A 170 12.74 -11.44 7.39
N TRP A 171 12.10 -10.36 6.96
CA TRP A 171 12.32 -9.07 7.61
C TRP A 171 11.62 -9.01 8.96
N LEU A 172 10.39 -9.51 9.04
CA LEU A 172 9.68 -9.47 10.31
C LEU A 172 10.37 -10.33 11.37
N GLU A 173 11.12 -11.36 10.96
CA GLU A 173 11.90 -12.15 11.90
C GLU A 173 12.94 -11.32 12.63
N LYS A 174 13.34 -10.18 12.07
CA LYS A 174 14.27 -9.27 12.75
C LYS A 174 13.58 -8.36 13.76
N ARG A 175 12.27 -8.49 13.93
CA ARG A 175 11.45 -7.84 14.96
C ARG A 175 11.33 -6.33 14.83
N PRO A 176 10.94 -5.78 13.68
CA PRO A 176 10.48 -4.40 13.67
C PRO A 176 9.22 -4.29 14.53
N GLY A 177 9.06 -3.15 15.19
CA GLY A 177 7.89 -2.94 16.02
C GLY A 177 6.68 -2.43 15.29
N ALA A 178 6.89 -1.86 14.10
CA ALA A 178 5.80 -1.35 13.27
C ALA A 178 5.97 -1.91 11.86
N PHE A 179 4.85 -2.23 11.21
CA PHE A 179 4.95 -2.68 9.83
C PHE A 179 3.65 -2.37 9.09
N CYS A 180 3.77 -2.27 7.76
CA CYS A 180 2.63 -2.03 6.88
C CYS A 180 2.95 -2.74 5.57
N ILE A 181 2.20 -3.81 5.27
CA ILE A 181 2.51 -4.74 4.19
C ILE A 181 1.30 -4.87 3.28
N LYS A 182 1.46 -4.54 2.00
CA LYS A 182 0.38 -4.76 1.06
C LYS A 182 0.09 -6.25 0.90
N VAL A 183 -1.19 -6.61 0.99
CA VAL A 183 -1.65 -7.96 0.70
C VAL A 183 -2.56 -7.85 -0.52
N LEU A 184 -2.00 -8.12 -1.71
CA LEU A 184 -2.74 -7.91 -2.95
C LEU A 184 -4.01 -8.73 -2.99
N CYS A 185 -3.91 -10.00 -2.64
CA CYS A 185 -5.02 -10.94 -2.78
C CYS A 185 -5.20 -11.66 -1.44
N PRO A 186 -6.05 -11.13 -0.56
CA PRO A 186 -6.23 -11.72 0.77
C PRO A 186 -7.39 -12.70 0.94
N TYR A 187 -8.12 -13.05 -0.11
CA TYR A 187 -9.46 -13.58 0.12
C TYR A 187 -9.61 -15.08 -0.12
N THR A 188 -8.62 -15.76 -0.68
CA THR A 188 -8.80 -17.21 -0.82
C THR A 188 -8.67 -17.89 0.54
N SER A 189 -9.25 -19.10 0.65
CA SER A 189 -9.21 -19.80 1.92
C SER A 189 -7.77 -20.12 2.33
N THR A 190 -6.94 -20.51 1.37
CA THR A 190 -5.53 -20.76 1.64
C THR A 190 -4.83 -19.51 2.14
N MET A 191 -5.09 -18.36 1.48
CA MET A 191 -4.44 -17.12 1.88
C MET A 191 -4.88 -16.70 3.27
N MET A 192 -6.16 -16.88 3.59
CA MET A 192 -6.63 -16.46 4.90
C MET A 192 -6.00 -17.31 6.01
N GLU A 193 -5.84 -18.61 5.76
CA GLU A 193 -5.16 -19.45 6.75
C GLU A 193 -3.71 -19.02 6.91
N THR A 194 -3.05 -18.66 5.80
CA THR A 194 -1.68 -18.16 5.87
C THR A 194 -1.59 -16.88 6.67
N LEU A 195 -2.53 -15.95 6.41
CA LEU A 195 -2.49 -14.67 7.11
C LEU A 195 -2.70 -14.85 8.61
N GLU A 196 -3.60 -15.74 9.01
CA GLU A 196 -3.84 -15.93 10.43
C GLU A 196 -2.64 -16.57 11.11
N ARG A 197 -1.95 -17.49 10.43
CA ARG A 197 -0.69 -18.02 10.95
C ARG A 197 0.33 -16.91 11.13
N LEU A 198 0.42 -15.99 10.16
CA LEU A 198 1.36 -14.88 10.28
C LEU A 198 0.98 -13.95 11.42
N GLN A 199 -0.33 -13.71 11.63
CA GLN A 199 -0.77 -12.87 12.74
C GLN A 199 -0.42 -13.51 14.08
N ARG A 200 -0.52 -14.84 14.17
CA ARG A 200 -0.16 -15.49 15.42
C ARG A 200 1.32 -15.28 15.76
N ARG A 201 2.18 -15.21 14.74
CA ARG A 201 3.59 -15.02 14.99
C ARG A 201 3.98 -13.55 15.12
N TYR A 202 3.42 -12.67 14.28
CA TYR A 202 3.87 -11.29 14.18
C TYR A 202 2.84 -10.24 14.58
N GLY A 203 1.58 -10.61 14.81
CA GLY A 203 0.55 -9.66 15.20
C GLY A 203 -0.06 -8.93 14.02
N GLY A 204 -0.67 -7.78 14.31
CA GLY A 204 -1.27 -6.95 13.29
C GLY A 204 -2.61 -7.46 12.78
N GLY A 205 -3.16 -6.73 11.81
CA GLY A 205 -4.40 -7.14 11.18
C GLY A 205 -4.50 -6.44 9.84
N LEU A 206 -5.49 -6.86 9.04
CA LEU A 206 -5.65 -6.31 7.69
C LEU A 206 -6.69 -5.19 7.67
N VAL A 207 -6.39 -4.14 6.91
CA VAL A 207 -7.22 -2.94 6.85
C VAL A 207 -7.45 -2.58 5.38
N ARG A 208 -8.69 -2.29 5.03
CA ARG A 208 -9.03 -1.77 3.71
C ARG A 208 -8.95 -0.25 3.74
N VAL A 209 -8.15 0.33 2.85
CA VAL A 209 -8.02 1.78 2.77
C VAL A 209 -9.01 2.30 1.73
N PRO A 210 -9.84 3.30 2.07
CA PRO A 210 -10.90 3.73 1.13
C PRO A 210 -10.39 4.40 -0.12
N LEU A 211 -9.11 4.80 -0.15
CA LEU A 211 -8.46 5.31 -1.35
C LEU A 211 -8.11 4.21 -2.33
N SER A 212 -8.19 2.94 -1.94
CA SER A 212 -7.99 1.87 -2.91
C SER A 212 -9.13 1.84 -3.93
N ARG A 213 -8.81 1.49 -5.16
CA ARG A 213 -9.82 1.39 -6.22
C ARG A 213 -10.63 0.10 -6.08
N ASN A 214 -11.89 0.13 -6.54
CA ASN A 214 -12.76 -1.04 -6.42
C ASN A 214 -12.28 -2.21 -7.26
N SER A 215 -11.37 -1.96 -8.19
CA SER A 215 -10.88 -2.99 -9.10
C SER A 215 -9.78 -3.84 -8.49
N THR A 216 -9.38 -3.58 -7.25
CA THR A 216 -8.41 -4.40 -6.55
C THR A 216 -8.92 -4.71 -5.15
N HIS A 217 -8.63 -5.92 -4.65
CA HIS A 217 -9.03 -6.33 -3.32
C HIS A 217 -7.92 -6.10 -2.29
N GLU A 218 -6.92 -5.29 -2.64
CA GLU A 218 -5.76 -5.08 -1.78
C GLU A 218 -6.17 -4.62 -0.39
N MET A 219 -5.54 -5.19 0.63
CA MET A 219 -5.65 -4.73 2.00
C MET A 219 -4.25 -4.63 2.58
N TYR A 220 -4.11 -3.87 3.64
CA TYR A 220 -2.80 -3.61 4.22
C TYR A 220 -2.71 -4.29 5.58
N TRP A 221 -1.71 -5.15 5.74
CA TRP A 221 -1.43 -5.80 7.01
C TRP A 221 -0.58 -4.85 7.85
N VAL A 222 -1.17 -4.32 8.93
CA VAL A 222 -0.56 -3.24 9.70
C VAL A 222 -0.49 -3.64 11.17
N SER A 223 0.59 -3.24 11.83
CA SER A 223 0.86 -3.67 13.20
C SER A 223 -0.09 -3.04 14.21
N GLY A 224 -0.67 -1.89 13.88
CA GLY A 224 -1.46 -1.12 14.82
C GLY A 224 -2.97 -1.36 14.76
N ALA A 225 -3.44 -2.34 14.00
CA ALA A 225 -4.87 -2.63 13.89
C ALA A 225 -5.06 -4.14 13.83
N LYS A 226 -4.94 -4.79 14.99
CA LYS A 226 -5.27 -6.22 15.09
C LYS A 226 -6.76 -6.44 14.90
N SER A 227 -7.12 -7.45 14.12
CA SER A 227 -8.52 -7.80 13.97
C SER A 227 -8.63 -9.21 13.41
N ASN A 228 -9.85 -9.73 13.45
CA ASN A 228 -10.20 -11.02 12.86
C ASN A 228 -10.14 -10.91 11.34
N THR A 229 -9.18 -11.61 10.73
CA THR A 229 -8.96 -11.48 9.28
C THR A 229 -10.07 -12.12 8.46
N ILE A 230 -10.65 -13.22 8.96
CA ILE A 230 -11.82 -13.80 8.28
C ILE A 230 -12.90 -12.74 8.11
N LYS A 231 -13.18 -12.01 9.19
CA LYS A 231 -14.22 -10.99 9.15
C LYS A 231 -13.80 -9.76 8.36
N SER A 232 -12.55 -9.30 8.53
CA SER A 232 -12.15 -8.06 7.86
C SER A 232 -12.10 -8.25 6.35
N VAL A 233 -11.63 -9.41 5.89
CA VAL A 233 -11.60 -9.68 4.46
C VAL A 233 -13.02 -9.83 3.91
N SER A 234 -13.88 -10.56 4.63
CA SER A 234 -15.25 -10.75 4.17
C SER A 234 -16.00 -9.41 4.10
N THR A 235 -15.79 -8.54 5.08
CA THR A 235 -16.42 -7.23 5.05
C THR A 235 -16.01 -6.45 3.80
N THR A 236 -14.73 -6.50 3.44
CA THR A 236 -14.27 -5.82 2.23
C THR A 236 -14.87 -6.45 0.98
N SER A 237 -14.95 -7.79 0.92
CA SER A 237 -15.57 -8.42 -0.24
C SER A 237 -17.02 -7.99 -0.39
N GLN A 238 -17.78 -7.94 0.72
CA GLN A 238 -19.17 -7.52 0.65
C GLN A 238 -19.28 -6.07 0.19
N LEU A 239 -18.39 -5.21 0.68
CA LEU A 239 -18.37 -3.82 0.25
C LEU A 239 -18.19 -3.74 -1.27
N LEU A 240 -17.18 -4.44 -1.79
CA LEU A 240 -16.85 -4.35 -3.21
C LEU A 240 -17.95 -4.95 -4.07
N LEU A 241 -18.58 -6.04 -3.62
CA LEU A 241 -19.69 -6.63 -4.37
C LEU A 241 -20.89 -5.69 -4.41
N GLY A 242 -21.21 -5.06 -3.28
CA GLY A 242 -22.34 -4.15 -3.24
C GLY A 242 -22.18 -2.98 -4.19
N ARG A 243 -20.95 -2.49 -4.35
CA ARG A 243 -20.71 -1.40 -5.28
C ARG A 243 -20.83 -1.82 -6.74
N MET A 244 -20.90 -3.12 -7.03
CA MET A 244 -21.13 -3.55 -8.40
C MET A 244 -22.57 -3.38 -8.83
N ASP A 245 -23.49 -3.23 -7.89
CA ASP A 245 -24.90 -3.00 -8.18
C ASP A 245 -25.22 -1.51 -8.11
N GLY A 246 -26.41 -1.17 -8.60
CA GLY A 246 -26.85 0.21 -8.58
C GLY A 246 -25.98 1.12 -9.42
N PRO A 247 -26.35 2.40 -9.47
CA PRO A 247 -25.63 3.33 -10.35
C PRO A 247 -24.25 3.66 -9.81
N ARG A 248 -23.39 4.13 -10.71
CA ARG A 248 -22.09 4.64 -10.31
C ARG A 248 -22.26 5.77 -9.31
N ARG A 249 -21.43 5.76 -8.28
CA ARG A 249 -21.56 6.76 -7.23
C ARG A 249 -20.38 7.73 -7.26
N PRO A 250 -20.58 8.95 -6.75
CA PRO A 250 -19.54 9.98 -6.87
C PRO A 250 -18.28 9.61 -6.11
N VAL A 251 -17.14 10.03 -6.67
CA VAL A 251 -15.87 9.96 -5.94
C VAL A 251 -15.89 11.01 -4.83
N LYS A 252 -15.41 10.62 -3.65
CA LYS A 252 -15.18 11.56 -2.56
C LYS A 252 -13.76 12.09 -2.71
N TYR A 253 -13.62 13.30 -3.24
CA TYR A 253 -12.32 13.92 -3.45
C TYR A 253 -11.83 14.61 -2.18
N GLU A 254 -10.56 14.40 -1.85
CA GLU A 254 -9.89 15.05 -0.74
C GLU A 254 -8.70 15.86 -1.25
N GLU A 255 -8.28 16.86 -0.49
CA GLU A 255 -7.06 17.56 -0.85
C GLU A 255 -5.86 16.68 -0.51
N ASP A 256 -4.87 16.68 -1.40
CA ASP A 256 -3.74 15.79 -1.25
C ASP A 256 -2.87 16.24 -0.08
N VAL A 257 -1.90 15.39 0.23
CA VAL A 257 -1.00 15.59 1.34
C VAL A 257 -0.09 16.77 1.04
N ASN A 258 0.14 17.58 2.07
CA ASN A 258 1.16 18.63 2.05
C ASN A 258 2.27 18.14 2.96
N LEU A 259 3.40 17.78 2.37
CA LEU A 259 4.54 17.29 3.14
C LEU A 259 5.53 18.38 3.50
N GLY A 260 5.18 19.64 3.27
CA GLY A 260 6.05 20.74 3.68
C GLY A 260 7.38 20.72 2.93
N SER A 261 8.35 21.42 3.54
CA SER A 261 9.71 21.43 3.01
C SER A 261 10.68 21.63 4.17
N GLY A 262 11.97 21.58 3.84
CA GLY A 262 13.01 21.79 4.84
C GLY A 262 13.60 20.47 5.32
N THR A 263 14.70 20.61 6.05
CA THR A 263 15.45 19.46 6.55
C THR A 263 15.15 19.20 8.01
N ARG A 264 15.49 17.99 8.45
CA ARG A 264 15.35 17.59 9.83
C ARG A 264 16.72 17.42 10.48
N ALA A 265 16.79 17.74 11.76
CA ALA A 265 18.02 17.62 12.53
C ALA A 265 18.15 16.18 13.04
N VAL A 266 19.10 15.45 12.48
CA VAL A 266 19.52 14.13 12.93
C VAL A 266 18.36 13.16 13.06
#